data_1M44
#
_entry.id   1M44
#
_cell.length_a   42.000
_cell.length_b   68.500
_cell.length_c   120.200
_cell.angle_alpha   90.00
_cell.angle_beta   90.00
_cell.angle_gamma   90.00
#
_symmetry.space_group_name_H-M   'P 21 21 21'
#
loop_
_entity.id
_entity.type
_entity.pdbx_description
1 polymer "Aminoglycoside 2'-N-acetyltransferase"
2 non-polymer 'SULFATE ION'
3 water water
#
_entity_poly.entity_id   1
_entity_poly.type   'polypeptide(L)'
_entity_poly.pdbx_seq_one_letter_code
;MHTQVHTARLVHTADLDSETRQDIRQMVTGAFAGDFTETDWEHTLGGMHALIWHHGAIIAHAAVIQRRLIYRGNALRCGY
VEGVAVRADWRGQRLVSALLDAVEQVMRGAYQLGALSSSARARRLYASRGWLPWHGPTSVLAPTGPVRTPDDDGTVFVLP
IDISLDTSAELMCDWRAGDVW
;
_entity_poly.pdbx_strand_id   A,B
#
loop_
_chem_comp.id
_chem_comp.type
_chem_comp.name
_chem_comp.formula
SO4 non-polymer 'SULFATE ION' 'O4 S -2'
#
# COMPACT_ATOMS: atom_id res chain seq x y z
N VAL A 5 5.81 3.05 30.29
CA VAL A 5 5.80 2.39 28.94
C VAL A 5 4.90 3.06 27.88
N HIS A 6 5.45 3.27 26.70
CA HIS A 6 4.68 3.87 25.62
C HIS A 6 4.30 2.82 24.57
N THR A 7 3.11 2.94 24.03
CA THR A 7 2.71 1.98 23.01
C THR A 7 2.33 2.85 21.84
N ALA A 8 2.69 2.41 20.65
CA ALA A 8 2.33 3.23 19.51
C ALA A 8 0.97 2.85 18.97
N ARG A 9 0.30 3.86 18.39
CA ARG A 9 -0.97 3.66 17.78
C ARG A 9 -0.77 3.63 16.28
N LEU A 10 -1.44 2.72 15.59
CA LEU A 10 -1.32 2.65 14.11
C LEU A 10 -2.49 3.41 13.46
N VAL A 11 -2.19 4.43 12.67
CA VAL A 11 -3.24 5.24 12.03
C VAL A 11 -2.94 5.25 10.51
N HIS A 12 -3.93 4.90 9.70
CA HIS A 12 -3.72 4.94 8.25
C HIS A 12 -3.60 6.42 7.84
N THR A 13 -2.86 6.65 6.76
CA THR A 13 -2.71 8.02 6.24
C THR A 13 -4.09 8.69 6.13
N ALA A 14 -5.06 7.90 5.66
CA ALA A 14 -6.39 8.50 5.44
C ALA A 14 -7.06 9.00 6.67
N ASP A 15 -6.65 8.48 7.82
CA ASP A 15 -7.22 8.88 9.11
C ASP A 15 -6.41 9.91 9.81
N LEU A 16 -5.39 10.43 9.15
CA LEU A 16 -4.65 11.54 9.76
C LEU A 16 -5.44 12.81 9.58
N ASP A 17 -5.94 13.36 10.70
CA ASP A 17 -6.64 14.62 10.63
C ASP A 17 -5.57 15.63 10.23
N SER A 18 -6.01 16.77 9.68
CA SER A 18 -5.07 17.83 9.21
C SER A 18 -4.03 18.27 10.23
N GLU A 19 -4.46 18.55 11.47
CA GLU A 19 -3.53 19.02 12.52
C GLU A 19 -2.41 17.98 12.78
N THR A 20 -2.83 16.71 12.85
CA THR A 20 -1.90 15.65 13.15
C THR A 20 -0.93 15.42 11.98
N ARG A 21 -1.44 15.47 10.78
CA ARG A 21 -0.63 15.23 9.59
C ARG A 21 0.48 16.28 9.52
N GLN A 22 0.13 17.53 9.80
CA GLN A 22 1.11 18.63 9.80
C GLN A 22 2.13 18.46 10.93
N ASP A 23 1.66 18.04 12.12
CA ASP A 23 2.57 17.88 13.25
C ASP A 23 3.58 16.74 12.93
N ILE A 24 3.08 15.66 12.33
CA ILE A 24 4.03 14.56 12.01
C ILE A 24 5.07 15.03 11.01
N ARG A 25 4.62 15.73 9.96
CA ARG A 25 5.54 16.17 8.91
C ARG A 25 6.65 17.02 9.51
N GLN A 26 6.23 17.98 10.33
CA GLN A 26 7.28 18.84 10.87
C GLN A 26 8.17 18.12 11.89
N MET A 27 7.64 17.20 12.69
CA MET A 27 8.44 16.50 13.66
C MET A 27 9.47 15.63 12.95
N VAL A 28 8.99 14.89 11.95
CA VAL A 28 9.92 14.00 11.23
C VAL A 28 11.01 14.79 10.52
N THR A 29 10.61 15.86 9.86
CA THR A 29 11.54 16.71 9.13
C THR A 29 12.59 17.28 10.08
N GLY A 30 12.16 17.61 11.29
CA GLY A 30 13.04 18.24 12.26
C GLY A 30 13.87 17.30 13.10
N ALA A 31 13.59 15.99 13.00
CA ALA A 31 14.26 14.96 13.76
C ALA A 31 15.15 14.03 12.92
N PHE A 32 14.82 13.91 11.64
CA PHE A 32 15.52 12.94 10.76
C PHE A 32 17.01 13.34 10.65
N ALA A 33 17.93 12.38 10.76
CA ALA A 33 19.35 12.75 10.67
C ALA A 33 19.75 12.86 9.18
N GLY A 34 19.03 12.15 8.31
CA GLY A 34 19.25 12.29 6.87
C GLY A 34 18.61 13.61 6.48
N ASP A 35 18.76 14.02 5.21
CA ASP A 35 18.18 15.25 4.65
C ASP A 35 16.76 14.80 4.27
N PHE A 36 15.76 15.13 5.11
CA PHE A 36 14.40 14.67 4.81
C PHE A 36 13.70 15.68 3.91
N THR A 37 13.48 15.33 2.62
CA THR A 37 12.93 16.26 1.67
C THR A 37 11.40 16.09 1.48
N GLU A 38 10.83 16.93 0.63
CA GLU A 38 9.41 16.85 0.35
C GLU A 38 9.09 15.48 -0.26
N THR A 39 10.04 14.96 -1.06
CA THR A 39 9.81 13.65 -1.67
C THR A 39 9.92 12.54 -0.63
N ASP A 40 10.79 12.72 0.37
CA ASP A 40 10.83 11.73 1.43
C ASP A 40 9.49 11.77 2.17
N TRP A 41 8.91 12.96 2.35
CA TRP A 41 7.61 13.03 3.03
C TRP A 41 6.54 12.22 2.22
N GLU A 42 6.54 12.40 0.93
CA GLU A 42 5.57 11.72 0.06
C GLU A 42 5.71 10.21 0.21
N HIS A 43 6.95 9.73 0.36
CA HIS A 43 7.20 8.29 0.54
C HIS A 43 6.66 7.73 1.87
N THR A 44 6.36 8.60 2.84
CA THR A 44 5.77 8.10 4.10
C THR A 44 4.26 7.91 4.01
N LEU A 45 3.66 8.36 2.90
CA LEU A 45 2.20 8.31 2.78
C LEU A 45 1.64 7.11 2.08
N GLY A 46 0.44 6.73 2.51
CA GLY A 46 -0.29 5.67 1.80
C GLY A 46 -0.57 4.45 2.60
N GLY A 47 0.11 4.33 3.71
CA GLY A 47 0.01 3.15 4.57
C GLY A 47 -0.32 3.43 6.00
N MET A 48 0.29 2.71 6.92
CA MET A 48 0.02 2.83 8.34
C MET A 48 1.15 3.58 9.05
N HIS A 49 0.77 4.61 9.81
CA HIS A 49 1.74 5.42 10.60
C HIS A 49 1.66 4.93 12.05
N ALA A 50 2.80 4.51 12.61
CA ALA A 50 2.87 4.17 14.04
C ALA A 50 3.18 5.51 14.70
N LEU A 51 2.31 5.93 15.63
CA LEU A 51 2.44 7.26 16.28
C LEU A 51 2.47 7.17 17.77
N ILE A 52 3.28 8.07 18.37
CA ILE A 52 3.25 8.16 19.85
C ILE A 52 3.09 9.68 20.10
N TRP A 53 2.17 10.02 21.02
CA TRP A 53 1.97 11.42 21.40
C TRP A 53 2.37 11.54 22.85
N HIS A 54 2.68 12.80 23.24
CA HIS A 54 2.83 13.10 24.66
C HIS A 54 2.10 14.44 24.85
N HIS A 55 1.04 14.43 25.66
CA HIS A 55 0.32 15.67 25.92
C HIS A 55 -0.02 16.52 24.69
N GLY A 56 -0.61 15.84 23.67
CA GLY A 56 -1.04 16.51 22.47
C GLY A 56 -0.09 16.73 21.32
N ALA A 57 1.17 16.40 21.54
CA ALA A 57 2.16 16.63 20.48
C ALA A 57 2.66 15.29 19.99
N ILE A 58 2.97 15.16 18.68
CA ILE A 58 3.56 13.91 18.21
C ILE A 58 5.04 13.87 18.66
N ILE A 59 5.43 12.75 19.28
CA ILE A 59 6.85 12.62 19.71
C ILE A 59 7.57 11.50 19.01
N ALA A 60 6.84 10.61 18.33
CA ALA A 60 7.55 9.52 17.62
C ALA A 60 6.69 9.09 16.45
N HIS A 61 7.35 8.70 15.36
CA HIS A 61 6.64 8.25 14.14
C HIS A 61 7.45 7.22 13.36
N ALA A 62 6.73 6.26 12.79
CA ALA A 62 7.33 5.36 11.74
C ALA A 62 6.18 4.93 10.89
N ALA A 63 6.35 5.00 9.58
CA ALA A 63 5.29 4.55 8.65
C ALA A 63 5.69 3.24 7.99
N VAL A 64 4.68 2.45 7.63
CA VAL A 64 4.96 1.22 6.85
C VAL A 64 4.08 1.32 5.62
N ILE A 65 4.68 1.37 4.42
CA ILE A 65 3.89 1.54 3.19
C ILE A 65 4.00 0.28 2.37
N GLN A 66 3.06 0.10 1.45
CA GLN A 66 3.09 -1.14 0.66
C GLN A 66 3.79 -0.88 -0.70
N ARG A 67 4.71 -1.77 -1.03
CA ARG A 67 5.31 -1.73 -2.36
C ARG A 67 5.72 -3.20 -2.74
N ARG A 68 6.39 -3.37 -3.90
CA ARG A 68 6.89 -4.71 -4.27
C ARG A 68 8.40 -4.69 -4.35
N LEU A 69 8.99 -5.79 -3.87
CA LEU A 69 10.43 -5.95 -4.05
C LEU A 69 10.57 -7.26 -4.84
N ILE A 70 11.35 -7.19 -5.92
CA ILE A 70 11.51 -8.36 -6.79
C ILE A 70 12.75 -9.14 -6.37
N TYR A 71 12.51 -10.42 -6.07
CA TYR A 71 13.53 -11.34 -5.57
C TYR A 71 13.41 -12.59 -6.42
N ARG A 72 14.48 -12.91 -7.11
CA ARG A 72 14.49 -14.07 -8.01
C ARG A 72 13.23 -14.24 -8.84
N GLY A 73 12.86 -13.18 -9.52
CA GLY A 73 11.71 -13.21 -10.40
C GLY A 73 10.33 -13.12 -9.73
N ASN A 74 10.25 -13.05 -8.41
CA ASN A 74 8.94 -12.93 -7.74
C ASN A 74 8.78 -11.53 -7.14
N ALA A 75 7.65 -10.87 -7.42
CA ALA A 75 7.43 -9.51 -6.85
C ALA A 75 6.78 -9.68 -5.48
N LEU A 76 7.64 -9.67 -4.44
CA LEU A 76 7.17 -9.91 -3.06
C LEU A 76 6.40 -8.70 -2.54
N ARG A 77 5.35 -9.00 -1.77
CA ARG A 77 4.51 -7.95 -1.16
C ARG A 77 5.23 -7.45 0.08
N CYS A 78 5.66 -6.19 -0.02
CA CYS A 78 6.50 -5.63 1.02
C CYS A 78 5.93 -4.52 1.81
N GLY A 79 6.17 -4.55 3.15
CA GLY A 79 5.84 -3.42 4.01
C GLY A 79 7.17 -2.70 4.19
N TYR A 80 7.28 -1.49 3.63
CA TYR A 80 8.54 -0.74 3.65
C TYR A 80 8.47 0.35 4.68
N VAL A 81 9.47 0.39 5.55
CA VAL A 81 9.45 1.40 6.60
C VAL A 81 10.00 2.74 6.14
N GLU A 82 9.34 3.83 6.56
CA GLU A 82 9.79 5.17 6.19
C GLU A 82 9.60 6.15 7.32
N GLY A 83 10.53 7.10 7.37
CA GLY A 83 10.35 8.23 8.32
C GLY A 83 10.42 7.91 9.76
N VAL A 84 11.28 6.97 10.17
CA VAL A 84 11.39 6.65 11.60
C VAL A 84 12.04 7.86 12.26
N ALA A 85 11.36 8.42 13.28
CA ALA A 85 11.86 9.59 13.98
C ALA A 85 11.30 9.68 15.35
N VAL A 86 12.16 10.17 16.26
CA VAL A 86 11.74 10.40 17.67
C VAL A 86 12.18 11.82 17.96
N ARG A 87 11.27 12.64 18.51
CA ARG A 87 11.61 14.04 18.80
C ARG A 87 12.85 14.08 19.69
N ALA A 88 13.68 15.08 19.46
CA ALA A 88 14.99 15.14 20.18
C ALA A 88 14.92 15.09 21.70
N ASP A 89 13.88 15.68 22.28
CA ASP A 89 13.69 15.65 23.75
C ASP A 89 13.17 14.35 24.28
N TRP A 90 12.86 13.42 23.38
CA TRP A 90 12.37 12.13 23.81
C TRP A 90 13.23 10.94 23.46
N ARG A 91 14.45 11.18 23.00
CA ARG A 91 15.35 10.06 22.66
C ARG A 91 15.87 9.41 23.92
N GLY A 92 16.27 8.15 23.80
CA GLY A 92 16.79 7.42 24.94
C GLY A 92 15.75 6.79 25.82
N GLN A 93 14.48 6.80 25.37
CA GLN A 93 13.42 6.21 26.16
C GLN A 93 12.73 5.03 25.51
N ARG A 94 13.45 4.35 24.64
CA ARG A 94 12.93 3.14 24.00
C ARG A 94 11.68 3.39 23.14
N LEU A 95 11.51 4.59 22.64
CA LEU A 95 10.33 4.84 21.79
C LEU A 95 10.50 4.17 20.42
N VAL A 96 11.73 4.12 19.91
CA VAL A 96 11.95 3.47 18.63
C VAL A 96 11.48 2.00 18.72
N SER A 97 11.78 1.32 19.84
CA SER A 97 11.31 -0.05 19.98
C SER A 97 9.80 -0.13 19.91
N ALA A 98 9.11 0.81 20.54
CA ALA A 98 7.66 0.83 20.48
C ALA A 98 7.14 1.06 19.08
N LEU A 99 7.81 1.93 18.35
CA LEU A 99 7.37 2.18 16.92
C LEU A 99 7.57 0.89 16.16
N LEU A 100 8.74 0.25 16.33
CA LEU A 100 8.99 -1.00 15.56
C LEU A 100 8.07 -2.15 15.98
N ASP A 101 7.69 -2.24 17.25
CA ASP A 101 6.74 -3.29 17.64
C ASP A 101 5.46 -3.13 16.76
N ALA A 102 5.05 -1.86 16.56
CA ALA A 102 3.82 -1.65 15.80
C ALA A 102 3.99 -1.94 14.31
N VAL A 103 5.08 -1.44 13.72
CA VAL A 103 5.13 -1.71 12.28
C VAL A 103 5.43 -3.18 11.99
N GLU A 104 6.18 -3.88 12.87
CA GLU A 104 6.43 -5.30 12.66
C GLU A 104 5.13 -6.09 12.76
N GLN A 105 4.22 -5.68 13.67
CA GLN A 105 2.92 -6.34 13.75
C GLN A 105 2.17 -6.20 12.41
N VAL A 106 2.29 -5.03 11.78
CA VAL A 106 1.61 -4.86 10.50
C VAL A 106 2.24 -5.79 9.46
N MET A 107 3.58 -5.89 9.49
CA MET A 107 4.25 -6.77 8.53
C MET A 107 3.77 -8.20 8.67
N ARG A 108 3.70 -8.70 9.91
CA ARG A 108 3.29 -10.10 10.10
C ARG A 108 1.88 -10.32 9.64
N GLY A 109 1.06 -9.29 9.81
CA GLY A 109 -0.33 -9.49 9.43
C GLY A 109 -0.70 -9.19 7.98
N ALA A 110 0.19 -8.55 7.23
CA ALA A 110 -0.21 -8.13 5.91
C ALA A 110 0.74 -8.29 4.76
N TYR A 111 2.02 -8.60 5.07
CA TYR A 111 3.05 -8.64 4.02
C TYR A 111 3.86 -9.92 4.01
N GLN A 112 4.64 -10.10 2.95
CA GLN A 112 5.54 -11.27 2.85
C GLN A 112 6.92 -10.93 3.48
N LEU A 113 7.25 -9.64 3.55
CA LEU A 113 8.44 -9.20 4.27
C LEU A 113 8.36 -7.74 4.54
N GLY A 114 9.03 -7.35 5.62
CA GLY A 114 9.30 -5.93 5.84
C GLY A 114 10.67 -5.61 5.25
N ALA A 115 10.88 -4.34 4.92
CA ALA A 115 12.18 -3.90 4.46
C ALA A 115 12.35 -2.44 4.80
N LEU A 116 13.60 -1.99 4.85
CA LEU A 116 13.90 -0.56 5.22
C LEU A 116 15.36 -0.26 4.88
N SER A 117 15.72 1.04 4.87
CA SER A 117 17.14 1.39 4.66
C SER A 117 17.53 2.06 5.97
N SER A 118 18.63 1.56 6.50
CA SER A 118 19.14 2.00 7.80
C SER A 118 20.33 2.95 7.73
N SER A 119 20.36 3.88 8.70
CA SER A 119 21.52 4.76 8.93
C SER A 119 22.57 3.75 9.41
N ALA A 120 23.87 3.98 9.16
CA ALA A 120 24.91 2.99 9.55
C ALA A 120 24.94 2.81 11.04
N ARG A 121 24.52 3.87 11.74
CA ARG A 121 24.45 3.90 13.21
C ARG A 121 23.44 2.88 13.70
N ALA A 122 22.23 3.01 13.15
CA ALA A 122 21.03 2.25 13.49
C ALA A 122 21.04 0.77 13.10
N ARG A 123 22.05 0.35 12.35
CA ARG A 123 22.15 -1.05 11.91
C ARG A 123 22.03 -2.02 13.07
N ARG A 124 22.74 -1.73 14.15
CA ARG A 124 22.74 -2.58 15.34
C ARG A 124 21.32 -2.77 15.93
N LEU A 125 20.53 -1.70 15.99
CA LEU A 125 19.19 -1.77 16.47
C LEU A 125 18.35 -2.79 15.65
N TYR A 126 18.36 -2.59 14.34
CA TYR A 126 17.58 -3.49 13.52
C TYR A 126 18.10 -4.92 13.63
N ALA A 127 19.44 -5.13 13.58
CA ALA A 127 19.92 -6.49 13.67
C ALA A 127 19.50 -7.10 14.99
N SER A 128 19.49 -6.30 16.05
CA SER A 128 19.13 -6.84 17.39
C SER A 128 17.68 -7.30 17.49
N ARG A 129 16.84 -6.76 16.59
CA ARG A 129 15.42 -7.12 16.54
C ARG A 129 15.16 -8.30 15.56
N GLY A 130 16.22 -8.82 14.95
CA GLY A 130 16.02 -9.96 14.03
C GLY A 130 16.01 -9.61 12.55
N TRP A 131 16.13 -8.34 12.23
CA TRP A 131 16.16 -7.94 10.83
C TRP A 131 17.51 -8.41 10.25
N LEU A 132 17.49 -8.81 8.99
CA LEU A 132 18.73 -9.28 8.35
C LEU A 132 19.27 -8.26 7.39
N PRO A 133 20.57 -8.04 7.42
CA PRO A 133 21.15 -7.09 6.48
C PRO A 133 21.22 -7.73 5.11
N TRP A 134 20.82 -6.98 4.08
CA TRP A 134 20.95 -7.53 2.72
C TRP A 134 22.41 -7.39 2.27
N HIS A 135 22.96 -8.46 1.72
CA HIS A 135 24.37 -8.48 1.25
C HIS A 135 24.49 -8.41 -0.25
N GLY A 136 23.45 -8.82 -0.97
CA GLY A 136 23.56 -8.81 -2.44
C GLY A 136 23.36 -7.42 -3.04
N PRO A 137 23.44 -7.33 -4.37
CA PRO A 137 23.25 -6.05 -5.02
C PRO A 137 21.80 -5.56 -4.92
N THR A 138 21.62 -4.30 -4.58
CA THR A 138 20.28 -3.71 -4.63
C THR A 138 20.15 -3.00 -5.99
N SER A 139 18.90 -2.85 -6.42
CA SER A 139 18.61 -2.21 -7.70
C SER A 139 17.18 -1.72 -7.64
N VAL A 140 16.81 -0.95 -8.63
CA VAL A 140 15.45 -0.48 -8.79
C VAL A 140 14.98 -0.77 -10.23
N LEU A 141 13.72 -1.11 -10.36
CA LEU A 141 13.14 -1.37 -11.68
C LEU A 141 12.65 0.00 -12.21
N ALA A 142 13.60 0.73 -12.84
CA ALA A 142 13.31 2.05 -13.37
C ALA A 142 12.52 1.94 -14.67
N PRO A 143 12.05 3.06 -15.21
CA PRO A 143 11.27 2.99 -16.46
C PRO A 143 12.05 2.46 -17.66
N THR A 144 13.38 2.56 -17.57
CA THR A 144 14.27 2.08 -18.61
C THR A 144 14.65 0.60 -18.35
N GLY A 145 14.19 0.00 -17.23
CA GLY A 145 14.57 -1.35 -16.91
C GLY A 145 15.40 -1.33 -15.63
N PRO A 146 15.93 -2.45 -15.16
CA PRO A 146 16.73 -2.48 -13.93
C PRO A 146 17.94 -1.61 -13.92
N VAL A 147 18.11 -0.92 -12.80
CA VAL A 147 19.28 -0.10 -12.62
C VAL A 147 19.87 -0.41 -11.23
N ARG A 148 21.16 -0.75 -11.15
CA ARG A 148 21.75 -1.06 -9.86
C ARG A 148 21.84 0.25 -9.04
N THR A 149 21.68 0.11 -7.71
CA THR A 149 21.72 1.26 -6.78
C THR A 149 22.79 0.95 -5.73
N PRO A 150 24.03 0.87 -6.17
CA PRO A 150 25.08 0.54 -5.22
C PRO A 150 25.23 1.43 -4.00
N ASP A 151 24.88 2.71 -4.08
CA ASP A 151 25.01 3.57 -2.88
C ASP A 151 24.11 3.03 -1.77
N ASP A 152 23.03 2.30 -2.16
CA ASP A 152 22.12 1.74 -1.16
C ASP A 152 22.50 0.36 -0.66
N ASP A 153 23.52 -0.25 -1.27
CA ASP A 153 23.97 -1.53 -0.82
C ASP A 153 24.50 -1.33 0.60
N GLY A 154 24.26 -2.31 1.45
CA GLY A 154 24.74 -2.20 2.82
C GLY A 154 23.82 -1.39 3.73
N THR A 155 22.75 -0.80 3.19
CA THR A 155 21.81 -0.04 3.99
C THR A 155 20.49 -0.76 4.15
N VAL A 156 20.26 -1.78 3.32
CA VAL A 156 18.93 -2.41 3.34
C VAL A 156 18.83 -3.54 4.31
N PHE A 157 17.74 -3.59 5.11
CA PHE A 157 17.50 -4.70 6.02
C PHE A 157 16.11 -5.31 5.69
N VAL A 158 15.97 -6.60 5.93
CA VAL A 158 14.69 -7.27 5.63
C VAL A 158 14.18 -8.05 6.82
N LEU A 159 12.86 -8.19 6.89
CA LEU A 159 12.24 -8.98 7.95
C LEU A 159 11.26 -9.91 7.22
N PRO A 160 11.77 -11.04 6.73
CA PRO A 160 10.86 -11.99 6.03
C PRO A 160 9.76 -12.54 6.96
N ILE A 161 8.56 -12.70 6.38
CA ILE A 161 7.45 -13.24 7.14
C ILE A 161 7.25 -14.64 6.61
N ASP A 162 7.82 -15.60 7.35
CA ASP A 162 7.69 -17.00 6.97
C ASP A 162 8.07 -17.35 5.54
N ILE A 163 9.10 -16.73 5.03
CA ILE A 163 9.61 -17.09 3.70
C ILE A 163 11.13 -17.16 3.83
N SER A 164 11.76 -17.83 2.86
CA SER A 164 13.19 -17.89 2.94
C SER A 164 13.71 -16.80 1.97
N LEU A 165 14.86 -16.24 2.29
CA LEU A 165 15.51 -15.23 1.44
C LEU A 165 17.02 -15.39 1.43
N ASP A 166 17.59 -15.68 0.26
CA ASP A 166 19.03 -15.74 0.13
C ASP A 166 19.43 -14.26 0.04
N THR A 167 19.89 -13.70 1.13
CA THR A 167 20.29 -12.30 1.23
C THR A 167 21.52 -11.92 0.41
N SER A 168 22.09 -12.87 -0.33
CA SER A 168 23.21 -12.55 -1.23
C SER A 168 22.70 -12.35 -2.67
N ALA A 169 21.41 -12.58 -2.89
CA ALA A 169 20.78 -12.43 -4.21
C ALA A 169 20.52 -10.94 -4.50
N GLU A 170 20.14 -10.63 -5.74
CA GLU A 170 19.76 -9.22 -6.05
C GLU A 170 18.40 -8.96 -5.40
N LEU A 171 18.14 -7.71 -5.00
CA LEU A 171 16.80 -7.32 -4.47
C LEU A 171 16.51 -6.04 -5.26
N MET A 172 15.43 -6.04 -6.03
CA MET A 172 15.11 -4.90 -6.91
C MET A 172 13.79 -4.25 -6.44
N CYS A 173 13.89 -3.01 -5.99
CA CYS A 173 12.67 -2.34 -5.51
C CYS A 173 11.94 -1.75 -6.71
N ASP A 174 10.70 -1.37 -6.47
CA ASP A 174 9.93 -0.76 -7.57
C ASP A 174 10.23 0.76 -7.58
N TRP A 175 9.87 1.41 -8.69
CA TRP A 175 10.20 2.82 -8.94
C TRP A 175 9.31 3.85 -8.28
N ARG A 176 9.95 4.96 -7.94
CA ARG A 176 9.30 6.13 -7.43
C ARG A 176 10.32 7.28 -7.57
N ALA A 177 9.81 8.49 -7.46
CA ALA A 177 10.66 9.69 -7.51
C ALA A 177 11.54 9.73 -6.27
N GLY A 178 12.65 10.46 -6.39
CA GLY A 178 13.55 10.59 -5.26
C GLY A 178 14.27 9.32 -4.83
N ASP A 179 14.48 9.16 -3.52
CA ASP A 179 15.22 7.99 -3.05
C ASP A 179 14.32 6.77 -3.24
N VAL A 180 14.82 5.80 -4.01
CA VAL A 180 14.02 4.60 -4.23
C VAL A 180 14.05 3.64 -3.04
N TRP A 181 15.14 3.64 -2.26
CA TRP A 181 15.22 2.88 -1.03
C TRP A 181 15.02 3.79 0.24
N HIS B 2 -39.63 3.18 4.94
CA HIS B 2 -38.42 3.70 5.64
C HIS B 2 -37.13 3.27 4.98
N THR B 3 -36.17 4.19 4.95
CA THR B 3 -34.93 3.84 4.33
C THR B 3 -34.02 3.04 5.25
N GLN B 4 -33.50 1.99 4.60
CA GLN B 4 -32.57 1.02 5.17
C GLN B 4 -31.20 1.41 4.61
N VAL B 5 -30.29 1.75 5.49
CA VAL B 5 -28.93 2.12 5.08
C VAL B 5 -27.91 1.21 5.71
N HIS B 6 -27.08 0.57 4.90
CA HIS B 6 -26.04 -0.29 5.42
C HIS B 6 -24.71 0.39 5.12
N THR B 7 -23.76 0.37 6.07
CA THR B 7 -22.47 0.97 5.69
C THR B 7 -21.36 -0.03 5.99
N ALA B 8 -20.26 0.21 5.30
CA ALA B 8 -19.08 -0.62 5.47
C ALA B 8 -18.17 -0.20 6.66
N ARG B 9 -17.45 -1.16 7.21
CA ARG B 9 -16.47 -0.82 8.25
C ARG B 9 -15.12 -1.00 7.48
N LEU B 10 -14.11 -0.18 7.77
CA LEU B 10 -12.77 -0.29 7.13
C LEU B 10 -11.83 -1.00 8.10
N VAL B 11 -11.20 -2.09 7.63
CA VAL B 11 -10.32 -2.90 8.47
C VAL B 11 -9.05 -3.19 7.69
N HIS B 12 -7.90 -2.90 8.31
CA HIS B 12 -6.64 -3.19 7.61
C HIS B 12 -6.41 -4.69 7.47
N THR B 13 -5.73 -5.12 6.41
CA THR B 13 -5.41 -6.53 6.28
C THR B 13 -4.84 -7.11 7.57
N ALA B 14 -3.89 -6.36 8.17
CA ALA B 14 -3.27 -6.89 9.37
C ALA B 14 -4.21 -7.12 10.54
N ASP B 15 -5.40 -6.54 10.49
CA ASP B 15 -6.33 -6.73 11.61
C ASP B 15 -7.38 -7.77 11.31
N LEU B 16 -7.28 -8.42 10.15
CA LEU B 16 -8.26 -9.47 9.83
C LEU B 16 -7.82 -10.74 10.53
N ASP B 17 -8.70 -11.33 11.32
CA ASP B 17 -8.33 -12.61 11.92
C ASP B 17 -8.52 -13.73 10.90
N SER B 18 -8.10 -14.93 11.26
CA SER B 18 -8.14 -16.06 10.32
C SER B 18 -9.57 -16.33 9.83
N GLU B 19 -10.54 -16.32 10.75
CA GLU B 19 -11.93 -16.60 10.36
C GLU B 19 -12.46 -15.57 9.36
N THR B 20 -12.10 -14.31 9.56
CA THR B 20 -12.59 -13.27 8.67
C THR B 20 -11.90 -13.35 7.32
N ARG B 21 -10.61 -13.69 7.31
CA ARG B 21 -9.92 -13.79 5.99
C ARG B 21 -10.59 -14.93 5.19
N GLN B 22 -10.86 -16.01 5.88
CA GLN B 22 -11.49 -17.14 5.20
C GLN B 22 -12.87 -16.76 4.68
N ASP B 23 -13.67 -16.10 5.50
CA ASP B 23 -15.04 -15.71 5.08
C ASP B 23 -14.99 -14.73 3.90
N ILE B 24 -14.10 -13.74 3.96
CA ILE B 24 -13.96 -12.82 2.82
C ILE B 24 -13.58 -13.61 1.55
N ARG B 25 -12.56 -14.46 1.64
CA ARG B 25 -12.14 -15.19 0.46
C ARG B 25 -13.28 -16.08 -0.08
N GLN B 26 -14.00 -16.75 0.81
CA GLN B 26 -15.13 -17.61 0.37
C GLN B 26 -16.21 -16.76 -0.34
N MET B 27 -16.58 -15.62 0.23
CA MET B 27 -17.61 -14.79 -0.37
C MET B 27 -17.18 -14.17 -1.68
N VAL B 28 -15.97 -13.66 -1.74
CA VAL B 28 -15.48 -13.07 -2.99
C VAL B 28 -15.46 -14.16 -4.10
N THR B 29 -14.98 -15.37 -3.72
CA THR B 29 -14.95 -16.48 -4.66
C THR B 29 -16.35 -16.75 -5.21
N GLY B 30 -17.35 -16.77 -4.31
CA GLY B 30 -18.71 -17.02 -4.79
C GLY B 30 -19.20 -15.91 -5.70
N ALA B 31 -18.85 -14.66 -5.39
CA ALA B 31 -19.31 -13.53 -6.17
C ALA B 31 -18.75 -13.53 -7.56
N PHE B 32 -17.60 -14.19 -7.72
CA PHE B 32 -16.92 -14.32 -9.01
C PHE B 32 -17.14 -15.69 -9.61
N ALA B 33 -18.13 -16.43 -9.05
CA ALA B 33 -18.54 -17.74 -9.55
C ALA B 33 -17.34 -18.68 -9.68
N GLY B 34 -16.40 -18.55 -8.72
CA GLY B 34 -15.22 -19.40 -8.67
C GLY B 34 -13.98 -18.87 -9.36
N ASP B 35 -14.09 -17.81 -10.16
CA ASP B 35 -12.93 -17.28 -10.88
C ASP B 35 -12.23 -16.25 -9.96
N PHE B 36 -11.47 -16.77 -8.99
CA PHE B 36 -10.76 -15.90 -8.04
C PHE B 36 -9.56 -16.76 -7.64
N THR B 37 -8.45 -16.47 -8.26
CA THR B 37 -7.26 -17.28 -8.07
C THR B 37 -6.44 -16.89 -6.86
N GLU B 38 -5.47 -17.72 -6.58
CA GLU B 38 -4.57 -17.49 -5.47
C GLU B 38 -3.93 -16.10 -5.65
N THR B 39 -3.47 -15.78 -6.86
CA THR B 39 -2.90 -14.44 -7.06
C THR B 39 -3.94 -13.33 -6.99
N ASP B 40 -5.19 -13.58 -7.45
CA ASP B 40 -6.21 -12.55 -7.29
C ASP B 40 -6.38 -12.26 -5.79
N TRP B 41 -6.38 -13.31 -4.93
CA TRP B 41 -6.51 -13.11 -3.51
C TRP B 41 -5.28 -12.30 -2.97
N GLU B 42 -4.10 -12.68 -3.44
CA GLU B 42 -2.91 -12.00 -2.95
C GLU B 42 -3.03 -10.50 -3.27
N HIS B 43 -3.60 -10.18 -4.46
CA HIS B 43 -3.73 -8.77 -4.84
C HIS B 43 -4.67 -7.97 -3.97
N THR B 44 -5.56 -8.63 -3.21
CA THR B 44 -6.41 -7.88 -2.32
C THR B 44 -5.75 -7.59 -0.99
N LEU B 45 -4.52 -8.10 -0.77
CA LEU B 45 -3.88 -7.96 0.56
C LEU B 45 -2.89 -6.82 0.65
N GLY B 46 -2.81 -6.22 1.85
CA GLY B 46 -1.81 -5.20 2.11
C GLY B 46 -2.33 -3.85 2.49
N GLY B 47 -3.62 -3.64 2.22
CA GLY B 47 -4.24 -2.34 2.45
C GLY B 47 -5.50 -2.42 3.34
N MET B 48 -6.49 -1.59 2.99
CA MET B 48 -7.73 -1.49 3.74
C MET B 48 -8.82 -2.29 3.05
N HIS B 49 -9.64 -2.97 3.83
CA HIS B 49 -10.78 -3.70 3.28
C HIS B 49 -12.08 -3.05 3.83
N ALA B 50 -13.03 -2.78 2.92
CA ALA B 50 -14.33 -2.27 3.34
C ALA B 50 -15.17 -3.56 3.45
N LEU B 51 -15.84 -3.72 4.58
CA LEU B 51 -16.59 -4.95 4.90
C LEU B 51 -17.99 -4.65 5.39
N ILE B 52 -18.92 -5.48 4.96
CA ILE B 52 -20.32 -5.33 5.44
C ILE B 52 -20.71 -6.75 5.84
N TRP B 53 -21.31 -6.94 7.02
CA TRP B 53 -21.75 -8.27 7.46
C TRP B 53 -23.25 -8.29 7.66
N HIS B 54 -23.74 -9.51 7.82
CA HIS B 54 -25.15 -9.76 8.16
C HIS B 54 -25.13 -11.02 8.97
N HIS B 55 -25.67 -10.96 10.18
CA HIS B 55 -25.67 -12.15 11.04
C HIS B 55 -24.30 -12.75 11.19
N GLY B 56 -23.32 -11.85 11.27
CA GLY B 56 -21.94 -12.25 11.45
C GLY B 56 -21.23 -12.81 10.22
N ALA B 57 -21.91 -12.82 9.07
CA ALA B 57 -21.27 -13.32 7.85
C ALA B 57 -21.02 -12.17 6.93
N ILE B 58 -19.88 -12.26 6.21
CA ILE B 58 -19.54 -11.22 5.29
C ILE B 58 -20.49 -11.23 4.07
N ILE B 59 -21.11 -10.09 3.76
CA ILE B 59 -21.97 -10.02 2.58
C ILE B 59 -21.44 -9.05 1.50
N ALA B 60 -20.40 -8.22 1.81
CA ALA B 60 -19.87 -7.36 0.76
C ALA B 60 -18.43 -7.04 1.16
N HIS B 61 -17.57 -6.87 0.13
CA HIS B 61 -16.13 -6.62 0.35
C HIS B 61 -15.56 -5.81 -0.76
N ALA B 62 -14.59 -4.93 -0.42
CA ALA B 62 -13.81 -4.27 -1.44
C ALA B 62 -12.50 -3.92 -0.73
N ALA B 63 -11.41 -4.06 -1.46
CA ALA B 63 -10.08 -3.69 -0.93
C ALA B 63 -9.45 -2.56 -1.74
N VAL B 64 -8.65 -1.74 -1.03
CA VAL B 64 -7.87 -0.69 -1.71
C VAL B 64 -6.42 -0.91 -1.28
N ILE B 65 -5.55 -1.19 -2.24
CA ILE B 65 -4.19 -1.43 -1.92
C ILE B 65 -3.34 -0.31 -2.53
N GLN B 66 -2.15 -0.12 -1.98
CA GLN B 66 -1.29 0.93 -2.52
C GLN B 66 -0.34 0.39 -3.63
N ARG B 67 -0.24 1.14 -4.72
CA ARG B 67 0.74 0.80 -5.78
C ARG B 67 1.14 2.14 -6.47
N ARG B 68 2.00 2.07 -7.48
CA ARG B 68 2.35 3.29 -8.25
C ARG B 68 1.86 3.09 -9.69
N LEU B 69 1.33 4.20 -10.28
CA LEU B 69 0.97 4.17 -11.70
C LEU B 69 1.79 5.33 -12.31
N ILE B 70 2.51 5.03 -13.38
CA ILE B 70 3.37 6.05 -14.04
C ILE B 70 2.56 6.80 -15.08
N TYR B 71 2.56 8.13 -14.92
CA TYR B 71 1.79 9.02 -15.80
C TYR B 71 2.67 10.25 -16.06
N ARG B 72 2.93 10.52 -17.33
CA ARG B 72 3.73 11.70 -17.71
C ARG B 72 5.09 11.70 -16.93
N GLY B 73 5.74 10.53 -16.84
CA GLY B 73 7.05 10.38 -16.21
C GLY B 73 7.09 10.40 -14.69
N ASN B 74 5.91 10.44 -14.09
CA ASN B 74 5.83 10.48 -12.63
C ASN B 74 5.10 9.27 -12.09
N ALA B 75 5.66 8.67 -11.06
CA ALA B 75 5.06 7.49 -10.41
C ALA B 75 4.03 7.98 -9.37
N LEU B 76 2.77 8.06 -9.78
CA LEU B 76 1.70 8.54 -8.91
C LEU B 76 1.35 7.52 -7.84
N ARG B 77 1.07 8.02 -6.65
CA ARG B 77 0.73 7.19 -5.46
C ARG B 77 -0.75 6.85 -5.62
N CYS B 78 -1.00 5.56 -5.92
CA CYS B 78 -2.36 5.08 -6.26
C CYS B 78 -3.00 4.17 -5.28
N GLY B 79 -4.31 4.36 -5.04
CA GLY B 79 -5.07 3.40 -4.23
C GLY B 79 -5.81 2.57 -5.32
N TYR B 80 -5.51 1.28 -5.39
CA TYR B 80 -6.03 0.41 -6.44
C TYR B 80 -7.05 -0.50 -5.86
N VAL B 81 -8.20 -0.56 -6.54
CA VAL B 81 -9.33 -1.35 -5.99
C VAL B 81 -9.28 -2.78 -6.43
N GLU B 82 -9.50 -3.67 -5.46
CA GLU B 82 -9.48 -5.09 -5.76
C GLU B 82 -10.56 -5.82 -5.06
N GLY B 83 -11.05 -6.91 -5.69
CA GLY B 83 -12.02 -7.77 -5.04
C GLY B 83 -13.38 -7.22 -4.68
N VAL B 84 -13.94 -6.36 -5.54
CA VAL B 84 -15.29 -5.79 -5.22
C VAL B 84 -16.30 -6.90 -5.40
N ALA B 85 -17.01 -7.18 -4.33
CA ALA B 85 -17.97 -8.28 -4.35
C ALA B 85 -19.10 -8.10 -3.41
N VAL B 86 -20.30 -8.47 -3.86
CA VAL B 86 -21.49 -8.45 -2.99
C VAL B 86 -22.12 -9.85 -3.19
N ARG B 87 -22.42 -10.51 -2.08
CA ARG B 87 -23.03 -11.87 -2.12
C ARG B 87 -24.32 -11.77 -2.95
N ALA B 88 -24.57 -12.80 -3.77
CA ALA B 88 -25.68 -12.72 -4.73
C ALA B 88 -27.06 -12.58 -4.19
N ASP B 89 -27.26 -12.93 -2.92
CA ASP B 89 -28.58 -12.80 -2.27
C ASP B 89 -28.71 -11.41 -1.65
N TRP B 90 -27.65 -10.60 -1.76
CA TRP B 90 -27.71 -9.25 -1.19
C TRP B 90 -27.60 -8.14 -2.16
N ARG B 91 -27.95 -8.38 -3.41
CA ARG B 91 -27.89 -7.34 -4.44
C ARG B 91 -29.16 -6.46 -4.42
N GLY B 92 -29.08 -5.33 -5.13
CA GLY B 92 -30.18 -4.37 -5.21
C GLY B 92 -30.45 -3.68 -3.89
N GLN B 93 -29.45 -3.66 -3.02
CA GLN B 93 -29.65 -3.01 -1.76
C GLN B 93 -28.62 -1.88 -1.64
N ARG B 94 -28.10 -1.45 -2.79
CA ARG B 94 -27.07 -0.40 -2.92
C ARG B 94 -25.82 -0.68 -2.07
N LEU B 95 -25.52 -1.97 -1.84
CA LEU B 95 -24.28 -2.27 -1.09
C LEU B 95 -22.98 -1.96 -1.91
N VAL B 96 -23.00 -1.99 -3.23
CA VAL B 96 -21.79 -1.64 -3.96
C VAL B 96 -21.48 -0.18 -3.67
N SER B 97 -22.53 0.64 -3.66
CA SER B 97 -22.35 2.06 -3.37
C SER B 97 -21.79 2.23 -1.95
N ALA B 98 -22.23 1.42 -0.99
CA ALA B 98 -21.73 1.54 0.38
C ALA B 98 -20.22 1.21 0.38
N LEU B 99 -19.88 0.15 -0.36
CA LEU B 99 -18.45 -0.25 -0.44
C LEU B 99 -17.65 0.91 -1.02
N LEU B 100 -18.10 1.48 -2.14
CA LEU B 100 -17.34 2.52 -2.83
C LEU B 100 -17.26 3.80 -1.98
N ASP B 101 -18.29 4.07 -1.17
CA ASP B 101 -18.21 5.24 -0.28
C ASP B 101 -17.00 5.05 0.63
N ALA B 102 -16.80 3.83 1.13
CA ALA B 102 -15.70 3.59 2.08
C ALA B 102 -14.37 3.61 1.33
N VAL B 103 -14.30 2.91 0.18
CA VAL B 103 -13.05 2.89 -0.67
C VAL B 103 -12.60 4.33 -1.08
N GLU B 104 -13.56 5.15 -1.51
CA GLU B 104 -13.26 6.49 -1.99
C GLU B 104 -12.82 7.37 -0.85
N GLN B 105 -13.35 7.13 0.35
CA GLN B 105 -12.88 7.91 1.50
C GLN B 105 -11.38 7.61 1.72
N VAL B 106 -10.97 6.34 1.62
CA VAL B 106 -9.55 6.05 1.81
C VAL B 106 -8.74 6.72 0.72
N MET B 107 -9.23 6.73 -0.53
CA MET B 107 -8.45 7.30 -1.63
C MET B 107 -8.27 8.79 -1.39
N ARG B 108 -9.35 9.47 -1.06
CA ARG B 108 -9.24 10.90 -0.86
C ARG B 108 -8.30 11.25 0.28
N GLY B 109 -8.20 10.41 1.29
CA GLY B 109 -7.35 10.74 2.40
C GLY B 109 -5.89 10.33 2.25
N ALA B 110 -5.60 9.40 1.32
CA ALA B 110 -4.25 8.88 1.26
C ALA B 110 -3.53 8.81 -0.04
N TYR B 111 -4.23 9.02 -1.16
CA TYR B 111 -3.58 8.79 -2.45
C TYR B 111 -3.75 9.95 -3.41
N GLN B 112 -3.00 9.92 -4.50
CA GLN B 112 -3.11 10.93 -5.57
C GLN B 112 -4.17 10.58 -6.56
N LEU B 113 -4.47 9.27 -6.66
CA LEU B 113 -5.62 8.89 -7.48
C LEU B 113 -6.04 7.49 -7.09
N GLY B 114 -7.29 7.20 -7.40
CA GLY B 114 -7.84 5.87 -7.27
C GLY B 114 -7.79 5.26 -8.66
N ALA B 115 -7.62 3.93 -8.74
CA ALA B 115 -7.67 3.27 -10.05
C ALA B 115 -8.21 1.86 -9.90
N LEU B 116 -8.78 1.36 -10.99
CA LEU B 116 -9.35 0.02 -11.00
C LEU B 116 -9.54 -0.46 -12.42
N SER B 117 -9.77 -1.78 -12.56
CA SER B 117 -10.14 -2.29 -13.90
C SER B 117 -11.57 -2.78 -13.74
N SER B 118 -12.42 -2.38 -14.67
CA SER B 118 -13.88 -2.64 -14.57
C SER B 118 -14.36 -3.66 -15.57
N SER B 119 -15.39 -4.37 -15.12
CA SER B 119 -16.10 -5.33 -15.99
C SER B 119 -16.96 -4.44 -16.87
N ALA B 120 -17.49 -4.97 -17.97
CA ALA B 120 -18.31 -4.09 -18.85
C ALA B 120 -19.59 -3.58 -18.14
N ARG B 121 -20.19 -4.44 -17.33
CA ARG B 121 -21.43 -4.10 -16.61
C ARG B 121 -21.22 -3.09 -15.46
N ALA B 122 -20.01 -3.07 -14.91
CA ALA B 122 -19.73 -2.20 -13.79
C ALA B 122 -19.33 -0.77 -14.23
N ARG B 123 -19.04 -0.60 -15.52
CA ARG B 123 -18.64 0.71 -16.06
C ARG B 123 -19.63 1.82 -15.71
N ARG B 124 -20.93 1.56 -15.89
CA ARG B 124 -21.94 2.58 -15.61
C ARG B 124 -21.92 3.12 -14.17
N LEU B 125 -21.88 2.23 -13.17
CA LEU B 125 -21.88 2.76 -11.79
C LEU B 125 -20.60 3.58 -11.51
N TYR B 126 -19.44 3.09 -11.95
CA TYR B 126 -18.21 3.86 -11.69
C TYR B 126 -18.28 5.26 -12.31
N ALA B 127 -18.70 5.33 -13.57
CA ALA B 127 -18.75 6.62 -14.22
C ALA B 127 -19.71 7.58 -13.53
N SER B 128 -20.80 7.00 -13.04
CA SER B 128 -21.86 7.78 -12.36
C SER B 128 -21.29 8.41 -11.10
N ARG B 129 -20.25 7.79 -10.55
CA ARG B 129 -19.62 8.30 -9.33
C ARG B 129 -18.43 9.22 -9.53
N GLY B 130 -18.12 9.56 -10.76
CA GLY B 130 -17.02 10.45 -10.99
C GLY B 130 -15.73 9.78 -11.45
N TRP B 131 -15.78 8.46 -11.56
CA TRP B 131 -14.60 7.73 -12.06
C TRP B 131 -14.50 8.02 -13.54
N LEU B 132 -13.27 8.19 -14.03
CA LEU B 132 -13.09 8.56 -15.45
C LEU B 132 -12.51 7.40 -16.21
N PRO B 133 -13.10 7.04 -17.36
CA PRO B 133 -12.54 5.92 -18.13
C PRO B 133 -11.18 6.32 -18.75
N TRP B 134 -10.17 5.45 -18.65
CA TRP B 134 -8.87 5.74 -19.22
C TRP B 134 -8.89 5.37 -20.68
N HIS B 135 -8.49 6.34 -21.51
CA HIS B 135 -8.51 6.12 -22.96
C HIS B 135 -7.16 5.80 -23.63
N GLY B 136 -6.09 6.31 -23.07
CA GLY B 136 -4.75 6.08 -23.62
C GLY B 136 -4.30 4.64 -23.47
N PRO B 137 -3.21 4.28 -24.14
CA PRO B 137 -2.67 2.92 -24.08
C PRO B 137 -2.15 2.59 -22.69
N THR B 138 -2.46 1.39 -22.24
CA THR B 138 -1.98 0.94 -20.95
C THR B 138 -0.74 0.03 -21.12
N SER B 139 0.11 0.05 -20.10
CA SER B 139 1.31 -0.80 -20.15
C SER B 139 1.60 -1.16 -18.67
N VAL B 140 2.58 -2.03 -18.51
CA VAL B 140 3.09 -2.41 -17.18
C VAL B 140 4.64 -2.32 -17.25
N LEU B 141 5.23 -1.82 -16.19
CA LEU B 141 6.70 -1.74 -16.11
C LEU B 141 7.14 -3.08 -15.56
N ALA B 142 7.32 -4.03 -16.48
CA ALA B 142 7.75 -5.38 -16.14
C ALA B 142 9.25 -5.42 -15.87
N PRO B 143 9.77 -6.53 -15.33
CA PRO B 143 11.20 -6.55 -15.01
C PRO B 143 12.26 -6.31 -16.04
N THR B 144 11.93 -6.46 -17.31
CA THR B 144 12.92 -6.12 -18.32
C THR B 144 12.55 -4.83 -19.04
N GLY B 145 11.57 -4.10 -18.49
CA GLY B 145 11.17 -2.84 -19.08
C GLY B 145 9.68 -2.83 -19.42
N PRO B 146 9.19 -1.69 -19.93
CA PRO B 146 7.76 -1.56 -20.28
C PRO B 146 7.25 -2.57 -21.29
N VAL B 147 6.03 -3.06 -21.03
CA VAL B 147 5.35 -4.00 -21.94
C VAL B 147 3.91 -3.50 -22.07
N ARG B 148 3.45 -3.32 -23.31
CA ARG B 148 2.08 -2.92 -23.51
C ARG B 148 1.08 -4.00 -23.02
N THR B 149 -0.05 -3.54 -22.49
CA THR B 149 -1.13 -4.48 -22.02
C THR B 149 -2.41 -4.13 -22.80
N PRO B 150 -2.38 -4.36 -24.12
CA PRO B 150 -3.55 -4.00 -24.93
C PRO B 150 -4.88 -4.64 -24.55
N ASP B 151 -4.87 -5.86 -24.02
CA ASP B 151 -6.14 -6.46 -23.62
C ASP B 151 -6.79 -5.70 -22.50
N ASP B 152 -6.00 -4.90 -21.76
CA ASP B 152 -6.58 -4.12 -20.67
C ASP B 152 -7.00 -2.71 -21.11
N ASP B 153 -6.72 -2.37 -22.37
CA ASP B 153 -7.11 -1.05 -22.85
C ASP B 153 -8.66 -0.99 -22.82
N GLY B 154 -9.17 0.18 -22.46
CA GLY B 154 -10.60 0.33 -22.38
C GLY B 154 -11.28 -0.28 -21.18
N THR B 155 -10.49 -0.70 -20.18
CA THR B 155 -11.07 -1.27 -18.96
C THR B 155 -10.71 -0.53 -17.68
N VAL B 156 -9.71 0.35 -17.76
CA VAL B 156 -9.23 1.02 -16.54
C VAL B 156 -9.96 2.33 -16.29
N PHE B 157 -10.30 2.56 -15.03
CA PHE B 157 -10.97 3.81 -14.60
C PHE B 157 -10.09 4.44 -13.52
N VAL B 158 -10.12 5.78 -13.48
CA VAL B 158 -9.34 6.48 -12.47
C VAL B 158 -10.18 7.47 -11.68
N LEU B 159 -9.80 7.73 -10.42
CA LEU B 159 -10.53 8.72 -9.61
C LEU B 159 -9.43 9.69 -9.19
N PRO B 160 -9.23 10.76 -9.94
CA PRO B 160 -8.16 11.65 -9.48
C PRO B 160 -8.49 12.38 -8.17
N ILE B 161 -7.47 12.52 -7.31
CA ILE B 161 -7.64 13.23 -6.03
C ILE B 161 -6.80 14.50 -6.15
N ASP B 162 -7.53 15.57 -6.41
CA ASP B 162 -6.94 16.89 -6.57
C ASP B 162 -5.76 17.05 -7.49
N ILE B 163 -5.73 16.23 -8.54
CA ILE B 163 -4.75 16.38 -9.58
C ILE B 163 -5.62 16.18 -10.83
N SER B 164 -5.24 16.86 -11.89
CA SER B 164 -5.98 16.78 -13.12
C SER B 164 -5.25 15.81 -14.04
N LEU B 165 -5.96 14.80 -14.54
CA LEU B 165 -5.31 13.82 -15.40
C LEU B 165 -5.84 13.86 -16.82
N ASP B 166 -4.94 13.73 -17.79
CA ASP B 166 -5.30 13.67 -19.20
C ASP B 166 -5.43 12.20 -19.51
N THR B 167 -6.68 11.74 -19.54
CA THR B 167 -6.92 10.32 -19.76
C THR B 167 -6.58 9.76 -21.14
N SER B 168 -6.06 10.62 -22.06
CA SER B 168 -5.61 10.16 -23.36
C SER B 168 -4.11 9.78 -23.30
N ALA B 169 -3.45 10.09 -22.18
CA ALA B 169 -2.04 9.76 -22.06
C ALA B 169 -1.86 8.25 -21.78
N GLU B 170 -0.62 7.80 -21.82
CA GLU B 170 -0.29 6.41 -21.53
C GLU B 170 -0.37 6.31 -20.00
N LEU B 171 -0.66 5.10 -19.52
CA LEU B 171 -0.70 4.85 -18.06
C LEU B 171 -0.01 3.51 -17.87
N MET B 172 1.04 3.49 -17.04
CA MET B 172 1.80 2.26 -16.91
C MET B 172 1.81 1.83 -15.44
N CYS B 173 1.23 0.68 -15.16
CA CYS B 173 1.18 0.19 -13.79
C CYS B 173 2.50 -0.48 -13.44
N ASP B 174 2.71 -0.61 -12.14
CA ASP B 174 3.91 -1.35 -11.69
C ASP B 174 3.66 -2.85 -11.77
N TRP B 175 4.72 -3.60 -11.58
CA TRP B 175 4.68 -5.03 -11.79
C TRP B 175 4.21 -5.87 -10.57
N ARG B 176 3.56 -7.00 -10.91
CA ARG B 176 3.17 -8.00 -9.93
C ARG B 176 2.80 -9.24 -10.74
N ALA B 177 2.78 -10.39 -10.05
CA ALA B 177 2.39 -11.67 -10.65
C ALA B 177 0.90 -11.66 -11.00
N GLY B 178 0.46 -12.53 -11.88
CA GLY B 178 -0.97 -12.57 -12.20
C GLY B 178 -1.43 -11.37 -13.01
N ASP B 179 -2.67 -10.98 -12.84
CA ASP B 179 -3.24 -9.87 -13.58
C ASP B 179 -2.52 -8.60 -13.10
N VAL B 180 -1.87 -7.88 -14.01
CA VAL B 180 -1.20 -6.67 -13.58
C VAL B 180 -2.19 -5.54 -13.33
N TRP B 181 -3.29 -5.48 -14.08
CA TRP B 181 -4.33 -4.47 -13.85
C TRP B 181 -5.48 -5.23 -13.12
S SO4 C . 15.21 14.16 -3.09
O1 SO4 C . 14.80 15.58 -3.29
O2 SO4 C . 14.40 13.54 -1.99
O3 SO4 C . 15.09 13.32 -4.37
O4 SO4 C . 16.70 14.10 -2.68
S SO4 D . 15.52 5.29 21.60
O1 SO4 D . 15.28 6.72 21.34
O2 SO4 D . 14.25 4.51 21.30
O3 SO4 D . 16.65 4.74 20.73
O4 SO4 D . 15.98 5.05 23.06
S SO4 E . 0.78 17.40 3.31
O1 SO4 E . 0.55 18.37 2.24
O2 SO4 E . -0.42 17.31 4.21
O3 SO4 E . 1.00 15.97 2.78
O4 SO4 E . 2.01 17.80 4.12
S SO4 F . -3.50 -16.25 -12.14
O1 SO4 F . -4.55 -15.33 -11.62
O2 SO4 F . -3.69 -16.42 -13.62
O3 SO4 F . -2.07 -15.75 -11.87
O4 SO4 F . -3.55 -17.59 -11.38
S SO4 G . -26.05 -3.43 -5.79
O1 SO4 G . -26.05 -4.75 -5.12
O2 SO4 G . -27.49 -2.94 -5.95
O3 SO4 G . -25.30 -2.32 -4.96
O4 SO4 G . -25.27 -3.47 -7.06
#